data_7YT0
#
_entry.id   7YT0
#
_cell.length_a   55.796
_cell.length_b   81.514
_cell.length_c   146.867
_cell.angle_alpha   90.000
_cell.angle_beta   90.000
_cell.angle_gamma   90.000
#
_symmetry.space_group_name_H-M   'P 21 21 21'
#
loop_
_entity.id
_entity.type
_entity.pdbx_description
1 polymer 'UDP-glucose 4-epimerase'
2 non-polymer NICOTINAMIDE-ADENINE-DINUCLEOTIDE
3 non-polymer 1,2-ETHANEDIOL
4 non-polymer "GALACTOSE-URIDINE-5'-DIPHOSPHATE"
5 water water
#
_entity_poly.entity_id   1
_entity_poly.type   'polypeptide(L)'
_entity_poly.pdbx_seq_one_letter_code
;MRALVTGAAGFIGSTLVDRLLADGHSVVGLDNFATGRATNLEHLADNSAHVFVEADIVTADLHAILEQHRPEVVFHLAAQ
IDVRRSVADPQFDAAVNVIGTVRLAEAARQTGVRKIVHTSSGGSIYGTPPEYPTPETAPTDPASPYAAGKVAGEIYLNTF
RHLYGLDCSHIAPANVYGPRQDPHGEAGVVAIFAQALLSGKPTRVFGDGTNTRDYVFVDDVVDAFVRVSADVGGGLRFNI
GTGKETSDRQLHSAVAAAVGGPDDPEFHPPRLGDLKRSCLDIGLAERVLGWRPQIELADGVRRTVEYFRHKHTDHHHHHH
;
_entity_poly.pdbx_strand_id   A,B
#
# COMPACT_ATOMS: atom_id res chain seq x y z
N MET A 1 -28.89 3.05 -12.34
CA MET A 1 -27.64 3.82 -12.56
C MET A 1 -26.70 2.99 -13.45
N ARG A 2 -25.63 3.64 -13.92
CA ARG A 2 -24.59 2.95 -14.68
C ARG A 2 -23.59 2.39 -13.68
N ALA A 3 -23.28 1.09 -13.83
CA ALA A 3 -22.35 0.43 -12.93
C ALA A 3 -21.28 -0.29 -13.75
N LEU A 4 -20.06 -0.34 -13.20
CA LEU A 4 -18.98 -1.13 -13.78
C LEU A 4 -18.39 -2.00 -12.67
N VAL A 5 -18.22 -3.28 -13.00
CA VAL A 5 -17.70 -4.28 -12.07
C VAL A 5 -16.41 -4.83 -12.67
N THR A 6 -15.28 -4.54 -12.00
CA THR A 6 -14.04 -5.23 -12.35
C THR A 6 -14.07 -6.61 -11.69
N GLY A 7 -13.44 -7.58 -12.36
CA GLY A 7 -13.47 -8.95 -11.89
C GLY A 7 -14.83 -9.61 -12.09
N ALA A 8 -15.56 -9.12 -13.10
CA ALA A 8 -16.95 -9.47 -13.33
C ALA A 8 -17.11 -10.94 -13.76
N ALA A 9 -16.04 -11.55 -14.29
CA ALA A 9 -16.13 -12.92 -14.77
C ALA A 9 -15.83 -13.91 -13.65
N GLY A 10 -15.57 -13.37 -12.45
CA GLY A 10 -15.22 -14.18 -11.30
C GLY A 10 -16.44 -14.66 -10.51
N PHE A 11 -16.16 -15.27 -9.37
CA PHE A 11 -17.14 -15.90 -8.50
C PHE A 11 -18.09 -14.84 -7.92
N ILE A 12 -17.54 -13.92 -7.12
CA ILE A 12 -18.36 -12.91 -6.48
C ILE A 12 -18.83 -11.90 -7.54
N GLY A 13 -17.91 -11.54 -8.43
CA GLY A 13 -18.14 -10.54 -9.46
C GLY A 13 -19.35 -10.85 -10.35
N SER A 14 -19.45 -12.09 -10.83
CA SER A 14 -20.53 -12.44 -11.74
C SER A 14 -21.86 -12.45 -10.99
N THR A 15 -21.80 -12.86 -9.71
CA THR A 15 -22.98 -12.89 -8.84
C THR A 15 -23.46 -11.46 -8.61
N LEU A 16 -22.50 -10.54 -8.40
CA LEU A 16 -22.81 -9.13 -8.21
C LEU A 16 -23.44 -8.57 -9.50
N VAL A 17 -22.90 -8.96 -10.66
CA VAL A 17 -23.43 -8.47 -11.93
C VAL A 17 -24.92 -8.83 -12.03
N ASP A 18 -25.25 -10.08 -11.74
CA ASP A 18 -26.62 -10.58 -11.82
C ASP A 18 -27.53 -9.75 -10.91
N ARG A 19 -27.04 -9.43 -9.71
CA ARG A 19 -27.83 -8.71 -8.73
C ARG A 19 -28.09 -7.28 -9.22
N LEU A 20 -27.05 -6.63 -9.75
CA LEU A 20 -27.16 -5.25 -10.22
C LEU A 20 -28.12 -5.18 -11.41
N LEU A 21 -28.07 -6.20 -12.28
CA LEU A 21 -28.98 -6.27 -13.41
C LEU A 21 -30.42 -6.44 -12.92
N ALA A 22 -30.60 -7.26 -11.87
CA ALA A 22 -31.93 -7.50 -11.32
C ALA A 22 -32.49 -6.22 -10.70
N ASP A 23 -31.60 -5.37 -10.18
CA ASP A 23 -31.98 -4.14 -9.51
C ASP A 23 -32.21 -3.02 -10.54
N GLY A 24 -32.04 -3.34 -11.82
CA GLY A 24 -32.43 -2.46 -12.91
C GLY A 24 -31.28 -1.59 -13.43
N HIS A 25 -30.06 -1.89 -12.98
CA HIS A 25 -28.91 -1.10 -13.40
C HIS A 25 -28.38 -1.60 -14.74
N SER A 26 -27.67 -0.71 -15.44
CA SER A 26 -26.86 -1.08 -16.59
CA SER A 26 -26.87 -1.10 -16.59
C SER A 26 -25.46 -1.41 -16.09
N VAL A 27 -24.92 -2.55 -16.52
CA VAL A 27 -23.68 -3.04 -15.95
C VAL A 27 -22.66 -3.26 -17.07
N VAL A 28 -21.45 -2.72 -16.88
CA VAL A 28 -20.30 -3.11 -17.66
C VAL A 28 -19.46 -4.06 -16.80
N GLY A 29 -19.25 -5.28 -17.31
CA GLY A 29 -18.32 -6.21 -16.67
C GLY A 29 -16.93 -6.10 -17.29
N LEU A 30 -15.88 -6.12 -16.45
CA LEU A 30 -14.51 -6.03 -16.90
C LEU A 30 -13.71 -7.17 -16.28
N ASP A 31 -12.96 -7.91 -17.12
CA ASP A 31 -12.17 -9.04 -16.64
C ASP A 31 -11.13 -9.41 -17.70
N ASN A 32 -10.02 -10.04 -17.26
CA ASN A 32 -8.98 -10.51 -18.16
C ASN A 32 -8.90 -12.03 -18.16
N PHE A 33 -9.82 -12.67 -17.41
CA PHE A 33 -9.92 -14.13 -17.30
C PHE A 33 -8.68 -14.76 -16.67
N ALA A 34 -7.99 -14.02 -15.79
CA ALA A 34 -6.88 -14.58 -15.05
C ALA A 34 -7.34 -15.80 -14.24
N THR A 35 -8.46 -15.65 -13.53
CA THR A 35 -9.01 -16.73 -12.72
C THR A 35 -10.53 -16.84 -12.94
N GLY A 36 -11.11 -15.80 -13.57
CA GLY A 36 -12.52 -15.81 -13.92
C GLY A 36 -12.78 -16.61 -15.20
N ARG A 37 -14.07 -16.83 -15.49
CA ARG A 37 -14.49 -17.74 -16.55
C ARG A 37 -15.67 -17.12 -17.30
N ALA A 38 -15.62 -17.17 -18.64
CA ALA A 38 -16.66 -16.63 -19.49
C ALA A 38 -18.00 -17.31 -19.21
N THR A 39 -17.95 -18.56 -18.74
CA THR A 39 -19.13 -19.35 -18.47
CA THR A 39 -19.14 -19.35 -18.47
C THR A 39 -19.94 -18.71 -17.34
N ASN A 40 -19.25 -17.95 -16.47
CA ASN A 40 -19.91 -17.29 -15.36
C ASN A 40 -20.82 -16.16 -15.86
N LEU A 41 -20.69 -15.76 -17.13
CA LEU A 41 -21.45 -14.63 -17.66
C LEU A 41 -22.22 -14.97 -18.94
N GLU A 42 -22.12 -16.22 -19.41
CA GLU A 42 -22.59 -16.60 -20.74
C GLU A 42 -24.10 -16.45 -20.88
N HIS A 43 -24.82 -16.57 -19.75
CA HIS A 43 -26.27 -16.46 -19.70
C HIS A 43 -26.74 -15.03 -19.97
N LEU A 44 -25.80 -14.08 -20.08
CA LEU A 44 -26.14 -12.67 -20.24
C LEU A 44 -26.00 -12.22 -21.68
N ALA A 45 -25.69 -13.17 -22.58
CA ALA A 45 -25.32 -12.87 -23.96
C ALA A 45 -26.32 -11.93 -24.63
N ASP A 46 -27.62 -12.16 -24.38
CA ASP A 46 -28.67 -11.44 -25.09
C ASP A 46 -29.32 -10.40 -24.18
N ASN A 47 -28.60 -9.98 -23.13
CA ASN A 47 -29.06 -8.93 -22.25
C ASN A 47 -28.40 -7.61 -22.64
N SER A 48 -29.20 -6.70 -23.19
CA SER A 48 -28.69 -5.43 -23.70
C SER A 48 -28.20 -4.53 -22.56
N ALA A 49 -28.63 -4.83 -21.33
CA ALA A 49 -28.29 -4.03 -20.16
C ALA A 49 -26.89 -4.38 -19.66
N HIS A 50 -26.26 -5.40 -20.26
CA HIS A 50 -24.93 -5.83 -19.88
C HIS A 50 -23.98 -5.70 -21.08
N VAL A 51 -22.79 -5.13 -20.82
CA VAL A 51 -21.70 -5.04 -21.78
C VAL A 51 -20.45 -5.58 -21.12
N PHE A 52 -19.73 -6.46 -21.82
CA PHE A 52 -18.48 -7.01 -21.29
C PHE A 52 -17.27 -6.41 -22.01
N VAL A 53 -16.25 -6.05 -21.22
CA VAL A 53 -14.97 -5.57 -21.73
C VAL A 53 -13.88 -6.50 -21.22
N GLU A 54 -13.11 -7.09 -22.14
CA GLU A 54 -11.94 -7.86 -21.75
C GLU A 54 -10.76 -6.92 -21.60
N ALA A 55 -10.25 -6.78 -20.37
CA ALA A 55 -9.20 -5.83 -20.07
C ALA A 55 -8.42 -6.28 -18.83
N ASP A 56 -7.11 -6.00 -18.82
CA ASP A 56 -6.23 -6.18 -17.68
C ASP A 56 -6.09 -4.83 -16.99
N ILE A 57 -6.51 -4.75 -15.72
CA ILE A 57 -6.49 -3.49 -14.99
C ILE A 57 -5.07 -2.94 -14.86
N VAL A 58 -4.05 -3.78 -15.07
CA VAL A 58 -2.67 -3.36 -14.83
C VAL A 58 -2.17 -2.51 -16.00
N THR A 59 -2.68 -2.76 -17.21
CA THR A 59 -2.09 -2.17 -18.40
C THR A 59 -3.13 -1.56 -19.36
N ALA A 60 -4.40 -1.97 -19.25
CA ALA A 60 -5.41 -1.50 -20.16
C ALA A 60 -5.64 0.01 -19.99
N ASP A 61 -6.20 0.64 -21.02
CA ASP A 61 -6.52 2.06 -20.96
C ASP A 61 -7.84 2.23 -20.22
N LEU A 62 -7.75 2.30 -18.89
CA LEU A 62 -8.96 2.33 -18.07
C LEU A 62 -9.65 3.67 -18.23
N HIS A 63 -8.86 4.73 -18.46
CA HIS A 63 -9.38 6.07 -18.68
CA HIS A 63 -9.40 6.05 -18.67
C HIS A 63 -10.37 6.03 -19.85
N ALA A 64 -9.92 5.46 -20.98
CA ALA A 64 -10.73 5.34 -22.19
C ALA A 64 -12.01 4.56 -21.90
N ILE A 65 -11.87 3.44 -21.17
CA ILE A 65 -12.99 2.57 -20.87
C ILE A 65 -14.04 3.32 -20.03
N LEU A 66 -13.60 4.02 -18.99
CA LEU A 66 -14.51 4.73 -18.09
CA LEU A 66 -14.55 4.70 -18.12
C LEU A 66 -15.09 5.94 -18.81
N GLU A 67 -14.30 6.54 -19.70
CA GLU A 67 -14.76 7.70 -20.44
C GLU A 67 -15.93 7.30 -21.34
N GLN A 68 -15.87 6.07 -21.87
CA GLN A 68 -16.89 5.55 -22.77
C GLN A 68 -18.15 5.15 -22.01
N HIS A 69 -17.98 4.47 -20.87
CA HIS A 69 -19.09 3.78 -20.22
C HIS A 69 -19.68 4.59 -19.07
N ARG A 70 -18.90 5.57 -18.57
CA ARG A 70 -19.35 6.55 -17.60
C ARG A 70 -20.07 5.92 -16.42
N PRO A 71 -19.46 4.93 -15.72
CA PRO A 71 -20.09 4.35 -14.53
C PRO A 71 -20.24 5.39 -13.42
N GLU A 72 -21.33 5.28 -12.66
CA GLU A 72 -21.53 6.08 -11.46
C GLU A 72 -20.83 5.43 -10.29
N VAL A 73 -20.89 4.08 -10.23
CA VAL A 73 -20.23 3.31 -9.20
C VAL A 73 -19.34 2.30 -9.90
N VAL A 74 -18.08 2.22 -9.43
CA VAL A 74 -17.23 1.12 -9.81
C VAL A 74 -17.09 0.17 -8.63
N PHE A 75 -17.48 -1.08 -8.85
CA PHE A 75 -17.30 -2.16 -7.90
C PHE A 75 -16.02 -2.88 -8.27
N HIS A 76 -14.99 -2.72 -7.44
CA HIS A 76 -13.66 -3.16 -7.79
C HIS A 76 -13.39 -4.52 -7.15
N LEU A 77 -13.61 -5.59 -7.92
CA LEU A 77 -13.43 -6.95 -7.42
C LEU A 77 -12.26 -7.65 -8.10
N ALA A 78 -11.67 -7.03 -9.14
CA ALA A 78 -10.54 -7.64 -9.83
C ALA A 78 -9.32 -7.66 -8.91
N ALA A 79 -8.73 -8.84 -8.73
CA ALA A 79 -7.58 -9.02 -7.85
C ALA A 79 -6.91 -10.37 -8.08
N GLN A 80 -5.63 -10.44 -7.71
CA GLN A 80 -4.96 -11.69 -7.37
C GLN A 80 -5.51 -12.13 -6.02
N ILE A 81 -6.07 -13.35 -5.94
CA ILE A 81 -6.94 -13.74 -4.84
CA ILE A 81 -6.90 -13.68 -4.79
C ILE A 81 -6.25 -14.74 -3.91
N ASP A 82 -5.13 -15.32 -4.34
CA ASP A 82 -4.58 -16.45 -3.62
C ASP A 82 -3.43 -16.01 -2.70
N VAL A 83 -3.56 -16.30 -1.40
CA VAL A 83 -2.59 -15.88 -0.38
C VAL A 83 -1.24 -16.54 -0.65
N ARG A 84 -1.24 -17.83 -0.99
CA ARG A 84 0.01 -18.55 -1.22
C ARG A 84 0.69 -18.04 -2.48
N ARG A 85 -0.09 -17.70 -3.51
CA ARG A 85 0.47 -17.16 -4.75
C ARG A 85 1.16 -15.83 -4.45
N SER A 86 0.60 -15.05 -3.51
CA SER A 86 1.14 -13.74 -3.15
C SER A 86 2.49 -13.90 -2.46
N VAL A 87 2.66 -15.00 -1.71
CA VAL A 87 3.92 -15.32 -1.07
C VAL A 87 4.95 -15.71 -2.13
N ALA A 88 4.51 -16.53 -3.10
CA ALA A 88 5.39 -17.05 -4.14
C ALA A 88 5.85 -15.92 -5.08
N ASP A 89 4.98 -14.94 -5.33
CA ASP A 89 5.30 -13.85 -6.23
C ASP A 89 4.64 -12.57 -5.71
N PRO A 90 5.25 -11.90 -4.71
CA PRO A 90 4.67 -10.69 -4.14
C PRO A 90 4.60 -9.51 -5.09
N GLN A 91 5.54 -9.45 -6.05
CA GLN A 91 5.55 -8.36 -7.03
C GLN A 91 4.31 -8.43 -7.91
N PHE A 92 3.98 -9.63 -8.42
CA PHE A 92 2.81 -9.80 -9.26
C PHE A 92 1.54 -9.43 -8.50
N ASP A 93 1.42 -9.91 -7.25
CA ASP A 93 0.27 -9.64 -6.41
C ASP A 93 0.10 -8.13 -6.21
N ALA A 94 1.22 -7.43 -5.93
CA ALA A 94 1.21 -5.99 -5.71
C ALA A 94 0.85 -5.25 -6.99
N ALA A 95 1.30 -5.76 -8.13
CA ALA A 95 1.00 -5.14 -9.41
C ALA A 95 -0.51 -5.11 -9.64
N VAL A 96 -1.15 -6.28 -9.46
CA VAL A 96 -2.58 -6.39 -9.73
C VAL A 96 -3.37 -5.64 -8.66
N ASN A 97 -2.99 -5.82 -7.39
CA ASN A 97 -3.84 -5.40 -6.28
C ASN A 97 -3.58 -3.95 -5.89
N VAL A 98 -2.33 -3.49 -6.03
CA VAL A 98 -2.04 -2.10 -5.70
C VAL A 98 -2.04 -1.26 -6.97
N ILE A 99 -1.18 -1.59 -7.94
CA ILE A 99 -1.05 -0.78 -9.14
C ILE A 99 -2.39 -0.75 -9.88
N GLY A 100 -3.03 -1.91 -10.01
CA GLY A 100 -4.33 -2.02 -10.67
C GLY A 100 -5.36 -1.09 -10.04
N THR A 101 -5.34 -1.03 -8.71
CA THR A 101 -6.26 -0.19 -7.94
C THR A 101 -5.95 1.27 -8.19
N VAL A 102 -4.65 1.61 -8.22
CA VAL A 102 -4.23 2.99 -8.40
C VAL A 102 -4.65 3.49 -9.78
N ARG A 103 -4.41 2.67 -10.81
CA ARG A 103 -4.74 3.04 -12.18
C ARG A 103 -6.25 3.25 -12.30
N LEU A 104 -7.02 2.38 -11.63
CA LEU A 104 -8.48 2.46 -11.69
C LEU A 104 -8.97 3.75 -11.02
N ALA A 105 -8.39 4.10 -9.87
CA ALA A 105 -8.76 5.30 -9.12
C ALA A 105 -8.44 6.54 -9.94
N GLU A 106 -7.27 6.53 -10.59
CA GLU A 106 -6.80 7.66 -11.38
C GLU A 106 -7.73 7.83 -12.59
N ALA A 107 -8.16 6.72 -13.20
CA ALA A 107 -9.11 6.81 -14.30
C ALA A 107 -10.45 7.35 -13.79
N ALA A 108 -10.91 6.82 -12.65
CA ALA A 108 -12.23 7.12 -12.11
C ALA A 108 -12.38 8.59 -11.71
N ARG A 109 -11.32 9.17 -11.12
CA ARG A 109 -11.41 10.53 -10.62
C ARG A 109 -11.57 11.52 -11.78
N GLN A 110 -11.30 11.05 -13.01
CA GLN A 110 -11.29 11.90 -14.18
C GLN A 110 -12.61 11.82 -14.95
N THR A 111 -13.43 10.81 -14.68
CA THR A 111 -14.57 10.48 -15.55
C THR A 111 -15.92 10.69 -14.87
N GLY A 112 -15.91 11.33 -13.68
CA GLY A 112 -17.14 11.71 -13.00
C GLY A 112 -17.81 10.57 -12.23
N VAL A 113 -17.06 9.47 -12.02
CA VAL A 113 -17.49 8.40 -11.12
C VAL A 113 -17.82 9.03 -9.76
N ARG A 114 -18.95 8.62 -9.17
CA ARG A 114 -19.32 9.08 -7.84
C ARG A 114 -18.53 8.33 -6.77
N LYS A 115 -18.46 7.00 -6.89
CA LYS A 115 -17.95 6.18 -5.80
C LYS A 115 -17.28 4.91 -6.33
N ILE A 116 -16.17 4.53 -5.70
CA ILE A 116 -15.58 3.22 -5.89
C ILE A 116 -15.84 2.38 -4.64
N VAL A 117 -16.39 1.18 -4.84
CA VAL A 117 -16.47 0.20 -3.76
C VAL A 117 -15.32 -0.78 -3.94
N HIS A 118 -14.33 -0.69 -3.03
CA HIS A 118 -13.16 -1.55 -3.06
C HIS A 118 -13.49 -2.88 -2.39
N THR A 119 -12.76 -3.93 -2.82
CA THR A 119 -12.82 -5.20 -2.12
C THR A 119 -11.50 -5.38 -1.39
N SER A 120 -11.58 -5.37 -0.06
CA SER A 120 -10.45 -5.61 0.82
C SER A 120 -10.44 -7.08 1.18
N SER A 121 -9.87 -7.41 2.35
CA SER A 121 -9.89 -8.77 2.85
C SER A 121 -10.02 -8.73 4.36
N GLY A 122 -11.27 -8.74 4.84
CA GLY A 122 -11.50 -8.75 6.29
C GLY A 122 -10.83 -9.95 6.94
N GLY A 123 -10.72 -11.03 6.16
CA GLY A 123 -10.14 -12.29 6.63
C GLY A 123 -8.64 -12.19 6.94
N SER A 124 -7.93 -11.26 6.31
CA SER A 124 -6.47 -11.31 6.40
C SER A 124 -5.80 -9.99 6.78
N ILE A 125 -6.48 -8.85 6.59
CA ILE A 125 -5.83 -7.54 6.77
C ILE A 125 -5.41 -7.31 8.22
N TYR A 126 -6.09 -7.95 9.18
CA TYR A 126 -5.81 -7.69 10.59
C TYR A 126 -4.65 -8.58 11.07
N GLY A 127 -4.21 -9.51 10.23
CA GLY A 127 -3.22 -10.50 10.61
C GLY A 127 -3.70 -11.29 11.83
N THR A 128 -2.79 -11.49 12.78
CA THR A 128 -3.18 -11.98 14.09
C THR A 128 -3.65 -10.78 14.91
N PRO A 129 -4.98 -10.62 15.14
CA PRO A 129 -5.51 -9.39 15.72
C PRO A 129 -5.50 -9.41 17.24
N PRO A 130 -5.76 -8.26 17.90
CA PRO A 130 -5.79 -8.18 19.37
C PRO A 130 -6.99 -8.87 20.01
N GLU A 131 -8.08 -9.06 19.23
CA GLU A 131 -9.29 -9.64 19.75
C GLU A 131 -10.10 -10.28 18.63
N TYR A 132 -10.92 -11.27 19.01
CA TYR A 132 -11.89 -11.94 18.14
C TYR A 132 -13.25 -11.92 18.83
N PRO A 133 -14.37 -11.64 18.11
CA PRO A 133 -14.34 -11.23 16.71
C PRO A 133 -13.71 -9.84 16.55
N THR A 134 -13.11 -9.60 15.38
CA THR A 134 -12.24 -8.45 15.18
C THR A 134 -13.04 -7.30 14.57
N PRO A 135 -13.09 -6.12 15.23
CA PRO A 135 -13.74 -4.93 14.68
C PRO A 135 -12.82 -4.15 13.75
N GLU A 136 -13.40 -3.24 12.95
CA GLU A 136 -12.65 -2.45 11.99
C GLU A 136 -11.68 -1.50 12.69
N THR A 137 -11.94 -1.21 13.97
CA THR A 137 -11.11 -0.31 14.76
C THR A 137 -9.77 -0.96 15.11
N ALA A 138 -9.70 -2.29 15.02
CA ALA A 138 -8.43 -2.99 15.23
C ALA A 138 -7.44 -2.56 14.15
N PRO A 139 -6.13 -2.44 14.48
CA PRO A 139 -5.15 -2.01 13.50
C PRO A 139 -4.99 -3.08 12.43
N THR A 140 -4.80 -2.65 11.18
CA THR A 140 -4.38 -3.60 10.16
C THR A 140 -2.96 -4.05 10.53
N ASP A 141 -2.70 -5.33 10.29
CA ASP A 141 -1.40 -5.90 10.62
C ASP A 141 -1.15 -7.09 9.69
N PRO A 142 -1.12 -6.85 8.36
CA PRO A 142 -1.04 -7.95 7.38
C PRO A 142 0.21 -8.80 7.56
N ALA A 143 0.04 -10.10 7.33
CA ALA A 143 1.14 -11.04 7.50
C ALA A 143 1.31 -11.89 6.24
N SER A 144 0.62 -11.50 5.16
CA SER A 144 0.92 -12.01 3.81
C SER A 144 0.93 -10.85 2.83
N PRO A 145 1.65 -10.96 1.70
CA PRO A 145 1.70 -9.89 0.70
C PRO A 145 0.30 -9.57 0.15
N TYR A 146 -0.54 -10.62 -0.01
CA TYR A 146 -1.94 -10.43 -0.39
C TYR A 146 -2.63 -9.46 0.55
N ALA A 147 -2.54 -9.72 1.86
CA ALA A 147 -3.18 -8.86 2.85
C ALA A 147 -2.65 -7.44 2.75
N ALA A 148 -1.33 -7.32 2.56
CA ALA A 148 -0.66 -6.02 2.51
C ALA A 148 -1.16 -5.19 1.32
N GLY A 149 -1.31 -5.82 0.15
CA GLY A 149 -1.79 -5.14 -1.04
C GLY A 149 -3.24 -4.68 -0.89
N LYS A 150 -4.04 -5.48 -0.17
CA LYS A 150 -5.42 -5.12 0.10
C LYS A 150 -5.47 -3.87 0.97
N VAL A 151 -4.62 -3.80 1.99
CA VAL A 151 -4.50 -2.65 2.87
CA VAL A 151 -4.58 -2.63 2.84
C VAL A 151 -4.06 -1.43 2.06
N ALA A 152 -3.05 -1.63 1.21
CA ALA A 152 -2.51 -0.54 0.42
C ALA A 152 -3.57 0.01 -0.54
N GLY A 153 -4.41 -0.90 -1.05
CA GLY A 153 -5.51 -0.53 -1.92
C GLY A 153 -6.49 0.42 -1.23
N GLU A 154 -6.86 0.09 0.02
CA GLU A 154 -7.75 0.93 0.80
C GLU A 154 -7.13 2.32 0.95
N ILE A 155 -5.86 2.35 1.33
CA ILE A 155 -5.17 3.59 1.66
C ILE A 155 -5.11 4.51 0.44
N TYR A 156 -4.78 3.94 -0.72
CA TYR A 156 -4.75 4.71 -1.94
C TYR A 156 -6.12 5.31 -2.26
N LEU A 157 -7.17 4.51 -2.08
CA LEU A 157 -8.51 5.01 -2.37
C LEU A 157 -8.89 6.13 -1.39
N ASN A 158 -8.53 5.96 -0.10
CA ASN A 158 -8.72 7.02 0.89
C ASN A 158 -7.98 8.29 0.45
N THR A 159 -6.81 8.12 -0.18
CA THR A 159 -6.01 9.23 -0.65
C THR A 159 -6.72 9.96 -1.79
N PHE A 160 -7.26 9.19 -2.75
CA PHE A 160 -8.00 9.76 -3.86
C PHE A 160 -9.28 10.44 -3.38
N ARG A 161 -9.83 9.95 -2.25
CA ARG A 161 -10.97 10.59 -1.62
C ARG A 161 -10.59 11.98 -1.11
N HIS A 162 -9.44 12.08 -0.44
CA HIS A 162 -8.95 13.37 0.05
C HIS A 162 -8.68 14.32 -1.11
N LEU A 163 -8.00 13.79 -2.15
CA LEU A 163 -7.44 14.56 -3.25
C LEU A 163 -8.53 15.13 -4.15
N TYR A 164 -9.50 14.29 -4.54
CA TYR A 164 -10.40 14.63 -5.63
C TYR A 164 -11.86 14.56 -5.18
N GLY A 165 -12.09 14.13 -3.95
CA GLY A 165 -13.43 13.90 -3.46
C GLY A 165 -14.08 12.68 -4.11
N LEU A 166 -13.25 11.79 -4.66
CA LEU A 166 -13.75 10.52 -5.21
C LEU A 166 -14.13 9.62 -4.04
N ASP A 167 -15.44 9.40 -3.88
CA ASP A 167 -15.94 8.67 -2.73
C ASP A 167 -15.51 7.21 -2.84
N CYS A 168 -15.31 6.58 -1.68
CA CYS A 168 -14.99 5.16 -1.62
C CYS A 168 -15.52 4.57 -0.33
N SER A 169 -15.86 3.28 -0.39
CA SER A 169 -16.02 2.47 0.80
C SER A 169 -15.32 1.15 0.53
N HIS A 170 -14.93 0.45 1.60
CA HIS A 170 -14.19 -0.79 1.46
C HIS A 170 -15.00 -1.96 2.03
N ILE A 171 -15.44 -2.84 1.14
CA ILE A 171 -16.05 -4.09 1.56
C ILE A 171 -14.91 -5.05 1.90
N ALA A 172 -14.88 -5.51 3.16
CA ALA A 172 -13.81 -6.38 3.62
C ALA A 172 -14.39 -7.74 3.99
N PRO A 173 -14.58 -8.65 3.01
CA PRO A 173 -15.22 -9.94 3.29
C PRO A 173 -14.32 -10.88 4.09
N ALA A 174 -14.96 -11.77 4.85
CA ALA A 174 -14.27 -12.92 5.43
C ALA A 174 -14.09 -13.97 4.32
N ASN A 175 -14.37 -15.23 4.61
CA ASN A 175 -14.18 -16.29 3.63
C ASN A 175 -15.48 -16.53 2.87
N VAL A 176 -15.52 -16.07 1.61
CA VAL A 176 -16.76 -16.13 0.84
C VAL A 176 -16.84 -17.48 0.14
N TYR A 177 -18.06 -18.01 0.04
CA TYR A 177 -18.27 -19.30 -0.62
C TYR A 177 -19.66 -19.30 -1.25
N GLY A 178 -19.89 -20.30 -2.11
CA GLY A 178 -21.19 -20.51 -2.71
C GLY A 178 -21.10 -20.90 -4.17
N PRO A 179 -22.26 -20.97 -4.87
CA PRO A 179 -22.29 -21.28 -6.30
C PRO A 179 -21.35 -20.39 -7.11
N ARG A 180 -20.63 -21.03 -8.05
CA ARG A 180 -19.74 -20.42 -9.03
C ARG A 180 -18.30 -20.35 -8.53
N GLN A 181 -18.06 -20.65 -7.26
CA GLN A 181 -16.68 -20.66 -6.77
C GLN A 181 -15.95 -21.83 -7.42
N ASP A 182 -14.71 -21.57 -7.87
CA ASP A 182 -13.92 -22.52 -8.63
CA ASP A 182 -13.93 -22.53 -8.63
C ASP A 182 -13.43 -23.64 -7.70
N PRO A 183 -13.77 -24.92 -7.99
CA PRO A 183 -13.36 -26.04 -7.13
CA PRO A 183 -13.36 -26.04 -7.13
C PRO A 183 -11.98 -26.60 -7.44
N HIS A 184 -11.33 -26.06 -8.47
CA HIS A 184 -10.12 -26.67 -9.00
C HIS A 184 -8.85 -25.91 -8.62
N GLY A 185 -8.99 -24.89 -7.77
CA GLY A 185 -7.85 -24.11 -7.29
C GLY A 185 -7.34 -24.59 -5.93
N GLU A 186 -6.53 -23.75 -5.27
CA GLU A 186 -6.03 -24.06 -3.93
C GLU A 186 -6.75 -23.19 -2.90
N ALA A 187 -7.38 -22.11 -3.39
CA ALA A 187 -8.23 -21.29 -2.54
C ALA A 187 -9.70 -21.58 -2.86
N GLY A 188 -10.57 -21.39 -1.87
CA GLY A 188 -11.99 -21.66 -2.05
C GLY A 188 -12.36 -23.04 -1.52
N VAL A 189 -12.03 -23.27 -0.24
CA VAL A 189 -12.07 -24.58 0.38
C VAL A 189 -13.46 -25.23 0.30
N VAL A 190 -14.53 -24.45 0.45
CA VAL A 190 -15.88 -25.02 0.40
C VAL A 190 -16.09 -25.68 -0.95
N ALA A 191 -15.73 -24.97 -2.03
CA ALA A 191 -15.85 -25.46 -3.39
C ALA A 191 -14.95 -26.69 -3.59
N ILE A 192 -13.72 -26.61 -3.07
CA ILE A 192 -12.76 -27.70 -3.22
C ILE A 192 -13.33 -28.97 -2.60
N PHE A 193 -13.78 -28.87 -1.34
CA PHE A 193 -14.34 -30.00 -0.62
C PHE A 193 -15.59 -30.54 -1.34
N ALA A 194 -16.49 -29.64 -1.75
CA ALA A 194 -17.77 -30.07 -2.29
C ALA A 194 -17.57 -30.93 -3.54
N GLN A 195 -16.79 -30.40 -4.49
CA GLN A 195 -16.61 -31.08 -5.77
C GLN A 195 -15.80 -32.36 -5.60
N ALA A 196 -14.76 -32.32 -4.76
CA ALA A 196 -13.94 -33.50 -4.56
C ALA A 196 -14.76 -34.62 -3.92
N LEU A 197 -15.56 -34.29 -2.90
CA LEU A 197 -16.37 -35.28 -2.21
C LEU A 197 -17.45 -35.83 -3.16
N LEU A 198 -18.02 -34.95 -4.00
CA LEU A 198 -19.01 -35.41 -4.96
C LEU A 198 -18.37 -36.37 -5.96
N SER A 199 -17.08 -36.14 -6.26
CA SER A 199 -16.37 -36.87 -7.30
C SER A 199 -15.63 -38.08 -6.72
N GLY A 200 -15.63 -38.20 -5.39
CA GLY A 200 -14.93 -39.27 -4.71
C GLY A 200 -13.42 -39.14 -4.84
N LYS A 201 -12.94 -37.90 -4.87
CA LYS A 201 -11.52 -37.61 -4.94
C LYS A 201 -11.00 -37.23 -3.55
N PRO A 202 -9.71 -37.48 -3.24
CA PRO A 202 -9.14 -37.13 -1.94
C PRO A 202 -9.32 -35.66 -1.56
N THR A 203 -9.45 -35.44 -0.25
CA THR A 203 -9.50 -34.11 0.32
C THR A 203 -8.43 -34.02 1.39
N ARG A 204 -8.08 -32.78 1.78
CA ARG A 204 -7.05 -32.57 2.78
C ARG A 204 -7.37 -31.33 3.63
N VAL A 205 -6.87 -31.36 4.87
CA VAL A 205 -6.76 -30.17 5.70
C VAL A 205 -5.27 -29.92 5.95
N PHE A 206 -4.95 -28.73 6.47
CA PHE A 206 -3.55 -28.36 6.67
C PHE A 206 -3.26 -28.23 8.16
N GLY A 207 -2.00 -28.51 8.54
CA GLY A 207 -1.61 -28.58 9.92
C GLY A 207 -2.44 -29.61 10.68
N ASP A 208 -3.00 -29.20 11.82
CA ASP A 208 -3.78 -30.10 12.66
C ASP A 208 -5.26 -29.92 12.39
N GLY A 209 -5.60 -29.09 11.40
CA GLY A 209 -6.98 -28.89 10.99
C GLY A 209 -7.76 -27.93 11.88
N THR A 210 -7.07 -27.27 12.83
CA THR A 210 -7.76 -26.45 13.81
C THR A 210 -7.86 -24.98 13.39
N ASN A 211 -7.24 -24.61 12.27
CA ASN A 211 -7.33 -23.24 11.79
C ASN A 211 -8.80 -22.89 11.55
N THR A 212 -9.20 -21.65 11.88
CA THR A 212 -10.59 -21.23 11.74
C THR A 212 -10.70 -20.09 10.74
N ARG A 213 -11.86 -20.05 10.08
CA ARG A 213 -12.23 -18.93 9.23
C ARG A 213 -13.70 -18.62 9.49
N ASP A 214 -14.14 -17.48 8.96
CA ASP A 214 -15.50 -16.99 9.09
C ASP A 214 -16.14 -17.10 7.71
N TYR A 215 -17.07 -18.06 7.56
CA TYR A 215 -17.59 -18.42 6.24
C TYR A 215 -18.91 -17.72 5.96
N VAL A 216 -18.89 -16.84 4.94
CA VAL A 216 -20.02 -15.99 4.62
C VAL A 216 -20.47 -16.30 3.19
N PHE A 217 -21.79 -16.43 2.99
CA PHE A 217 -22.36 -16.86 1.73
C PHE A 217 -22.31 -15.70 0.72
N VAL A 218 -22.05 -16.06 -0.55
CA VAL A 218 -21.84 -15.08 -1.62
C VAL A 218 -23.00 -14.09 -1.73
N ASP A 219 -24.25 -14.57 -1.65
CA ASP A 219 -25.39 -13.67 -1.80
C ASP A 219 -25.37 -12.57 -0.74
N ASP A 220 -24.97 -12.93 0.49
CA ASP A 220 -24.89 -11.98 1.58
C ASP A 220 -23.83 -10.91 1.30
N VAL A 221 -22.70 -11.33 0.71
CA VAL A 221 -21.61 -10.42 0.39
C VAL A 221 -22.08 -9.45 -0.69
N VAL A 222 -22.77 -10.00 -1.69
CA VAL A 222 -23.29 -9.22 -2.81
C VAL A 222 -24.24 -8.15 -2.27
N ASP A 223 -25.11 -8.52 -1.31
CA ASP A 223 -26.04 -7.58 -0.73
C ASP A 223 -25.31 -6.41 -0.07
N ALA A 224 -24.17 -6.69 0.57
CA ALA A 224 -23.41 -5.65 1.24
C ALA A 224 -22.82 -4.67 0.22
N PHE A 225 -22.31 -5.20 -0.90
CA PHE A 225 -21.81 -4.39 -2.00
C PHE A 225 -22.89 -3.41 -2.47
N VAL A 226 -24.13 -3.90 -2.63
CA VAL A 226 -25.19 -3.08 -3.18
C VAL A 226 -25.55 -1.97 -2.19
N ARG A 227 -25.63 -2.33 -0.90
CA ARG A 227 -26.01 -1.38 0.14
C ARG A 227 -25.00 -0.23 0.21
N VAL A 228 -23.71 -0.56 0.12
CA VAL A 228 -22.65 0.41 0.36
C VAL A 228 -22.38 1.26 -0.90
N SER A 229 -23.05 0.93 -2.01
CA SER A 229 -22.84 1.63 -3.27
C SER A 229 -23.50 3.00 -3.27
N ALA A 230 -24.49 3.17 -2.38
CA ALA A 230 -25.17 4.44 -2.18
C ALA A 230 -24.25 5.41 -1.43
N ASP A 231 -24.70 6.66 -1.26
CA ASP A 231 -23.97 7.63 -0.47
C ASP A 231 -24.19 7.32 1.01
N VAL A 232 -23.66 6.17 1.42
CA VAL A 232 -23.72 5.69 2.79
CA VAL A 232 -23.74 5.64 2.77
C VAL A 232 -22.36 5.10 3.13
N GLY A 233 -21.93 5.32 4.38
CA GLY A 233 -20.69 4.76 4.89
C GLY A 233 -19.46 5.27 4.14
N GLY A 234 -19.54 6.50 3.61
CA GLY A 234 -18.44 7.10 2.88
C GLY A 234 -17.15 7.09 3.71
N GLY A 235 -16.07 6.58 3.11
CA GLY A 235 -14.74 6.60 3.72
C GLY A 235 -14.44 5.38 4.59
N LEU A 236 -15.45 4.52 4.82
CA LEU A 236 -15.36 3.49 5.84
C LEU A 236 -15.05 2.12 5.21
N ARG A 237 -14.41 1.26 6.02
CA ARG A 237 -14.31 -0.16 5.74
C ARG A 237 -15.38 -0.91 6.54
N PHE A 238 -15.98 -1.93 5.91
CA PHE A 238 -16.96 -2.77 6.58
C PHE A 238 -16.53 -4.24 6.53
N ASN A 239 -16.37 -4.83 7.72
CA ASN A 239 -16.23 -6.28 7.82
C ASN A 239 -17.52 -6.93 7.36
N ILE A 240 -17.40 -7.88 6.42
CA ILE A 240 -18.55 -8.59 5.89
C ILE A 240 -18.33 -10.09 6.11
N GLY A 241 -18.97 -10.60 7.16
CA GLY A 241 -18.84 -11.98 7.58
C GLY A 241 -20.05 -12.39 8.43
N THR A 242 -19.87 -13.44 9.24
CA THR A 242 -20.94 -13.97 10.08
C THR A 242 -20.59 -13.81 11.55
N GLY A 243 -19.30 -13.64 11.85
CA GLY A 243 -18.83 -13.54 13.22
C GLY A 243 -18.81 -14.89 13.94
N LYS A 244 -18.80 -15.98 13.16
CA LYS A 244 -18.69 -17.32 13.69
C LYS A 244 -17.46 -18.01 13.10
N GLU A 245 -16.70 -18.70 13.95
CA GLU A 245 -15.50 -19.43 13.55
C GLU A 245 -15.87 -20.88 13.25
N THR A 246 -15.34 -21.37 12.13
CA THR A 246 -15.42 -22.78 11.76
C THR A 246 -14.02 -23.26 11.44
N SER A 247 -13.59 -24.35 12.10
CA SER A 247 -12.27 -24.91 11.87
C SER A 247 -12.25 -25.66 10.53
N ASP A 248 -11.03 -25.88 9.99
CA ASP A 248 -10.89 -26.61 8.74
C ASP A 248 -11.57 -27.97 8.86
N ARG A 249 -11.37 -28.63 10.01
CA ARG A 249 -11.92 -29.95 10.26
C ARG A 249 -13.45 -29.90 10.30
N GLN A 250 -13.99 -28.90 11.00
CA GLN A 250 -15.42 -28.72 11.15
C GLN A 250 -16.08 -28.44 9.79
N LEU A 251 -15.40 -27.63 8.96
CA LEU A 251 -15.89 -27.33 7.62
CA LEU A 251 -15.92 -27.34 7.64
C LEU A 251 -15.99 -28.63 6.82
N HIS A 252 -14.93 -29.44 6.87
CA HIS A 252 -14.92 -30.70 6.13
C HIS A 252 -16.14 -31.54 6.51
N SER A 253 -16.40 -31.65 7.83
CA SER A 253 -17.52 -32.42 8.34
C SER A 253 -18.85 -31.90 7.80
N ALA A 254 -18.99 -30.57 7.74
CA ALA A 254 -20.21 -29.94 7.27
C ALA A 254 -20.45 -30.25 5.78
N VAL A 255 -19.38 -30.15 4.98
CA VAL A 255 -19.49 -30.40 3.55
C VAL A 255 -19.77 -31.89 3.29
N ALA A 256 -19.14 -32.76 4.09
CA ALA A 256 -19.34 -34.19 3.95
C ALA A 256 -20.80 -34.54 4.29
N ALA A 257 -21.36 -33.87 5.30
CA ALA A 257 -22.75 -34.08 5.70
C ALA A 257 -23.70 -33.67 4.57
N ALA A 258 -23.42 -32.53 3.94
CA ALA A 258 -24.27 -32.01 2.88
C ALA A 258 -24.20 -32.91 1.65
N VAL A 259 -22.99 -33.37 1.31
CA VAL A 259 -22.80 -34.26 0.17
C VAL A 259 -23.44 -35.61 0.47
N GLY A 260 -23.39 -36.01 1.75
CA GLY A 260 -23.65 -37.39 2.12
C GLY A 260 -22.50 -38.27 1.66
N GLY A 261 -21.28 -37.89 2.08
CA GLY A 261 -20.08 -38.62 1.74
C GLY A 261 -19.21 -38.85 2.97
N PRO A 262 -18.06 -39.55 2.84
CA PRO A 262 -17.20 -39.83 3.99
C PRO A 262 -16.53 -38.54 4.47
N ASP A 263 -16.23 -38.51 5.78
CA ASP A 263 -15.63 -37.37 6.43
C ASP A 263 -14.25 -37.76 6.92
N ASP A 264 -13.35 -38.03 5.97
CA ASP A 264 -12.06 -38.64 6.24
CA ASP A 264 -12.05 -38.62 6.25
C ASP A 264 -10.97 -37.90 5.46
N PRO A 265 -10.68 -36.60 5.76
CA PRO A 265 -9.68 -35.86 5.02
C PRO A 265 -8.26 -36.32 5.33
N GLU A 266 -7.34 -36.10 4.38
CA GLU A 266 -5.91 -36.26 4.61
C GLU A 266 -5.41 -35.07 5.43
N PHE A 267 -4.23 -35.24 6.06
CA PHE A 267 -3.61 -34.19 6.85
C PHE A 267 -2.28 -33.82 6.21
N HIS A 268 -2.18 -32.57 5.73
CA HIS A 268 -1.02 -32.09 5.01
C HIS A 268 -0.30 -31.01 5.81
N PRO A 269 0.97 -30.66 5.47
CA PRO A 269 1.74 -29.69 6.25
C PRO A 269 1.15 -28.28 6.19
N PRO A 270 1.42 -27.40 7.20
CA PRO A 270 0.93 -26.02 7.18
C PRO A 270 1.36 -25.24 5.93
N ARG A 271 0.63 -24.16 5.64
CA ARG A 271 0.93 -23.33 4.48
C ARG A 271 1.39 -21.96 4.97
N LEU A 272 2.58 -21.54 4.52
CA LEU A 272 3.16 -20.27 4.91
C LEU A 272 2.30 -19.14 4.34
N GLY A 273 1.91 -18.21 5.21
CA GLY A 273 1.08 -17.07 4.82
C GLY A 273 -0.33 -17.13 5.40
N ASP A 274 -0.77 -18.35 5.77
CA ASP A 274 -2.12 -18.59 6.25
C ASP A 274 -2.21 -18.33 7.75
N LEU A 275 -3.13 -17.45 8.14
CA LEU A 275 -3.39 -17.15 9.55
C LEU A 275 -4.06 -18.35 10.22
N LYS A 276 -3.97 -18.40 11.56
CA LYS A 276 -4.51 -19.50 12.34
C LYS A 276 -6.00 -19.33 12.62
N ARG A 277 -6.43 -18.08 12.85
CA ARG A 277 -7.81 -17.77 13.20
C ARG A 277 -8.27 -16.51 12.46
N SER A 278 -9.57 -16.47 12.16
CA SER A 278 -10.20 -15.32 11.51
C SER A 278 -11.67 -15.30 11.92
N CYS A 279 -12.11 -14.16 12.46
CA CYS A 279 -13.49 -13.98 12.88
C CYS A 279 -13.81 -12.49 12.96
N LEU A 280 -14.84 -12.06 12.23
CA LEU A 280 -15.08 -10.64 12.08
C LEU A 280 -16.25 -10.16 12.96
N ASP A 281 -16.06 -8.97 13.54
CA ASP A 281 -17.12 -8.23 14.18
C ASP A 281 -17.87 -7.46 13.11
N ILE A 282 -19.16 -7.77 12.94
CA ILE A 282 -19.94 -7.27 11.82
C ILE A 282 -20.95 -6.21 12.28
N GLY A 283 -20.71 -5.63 13.46
CA GLY A 283 -21.62 -4.64 14.02
C GLY A 283 -21.74 -3.37 13.18
N LEU A 284 -20.61 -2.90 12.63
CA LEU A 284 -20.61 -1.64 11.90
C LEU A 284 -21.46 -1.76 10.64
N ALA A 285 -21.36 -2.91 9.94
CA ALA A 285 -22.15 -3.13 8.74
C ALA A 285 -23.64 -3.15 9.10
N GLU A 286 -23.98 -3.72 10.25
N GLU A 286 -23.97 -3.70 10.27
CA GLU A 286 -25.36 -3.72 10.69
CA GLU A 286 -25.34 -3.76 10.74
C GLU A 286 -25.83 -2.29 10.92
C GLU A 286 -25.86 -2.35 11.02
N ARG A 287 -25.06 -1.54 11.72
CA ARG A 287 -25.46 -0.20 12.13
C ARG A 287 -25.59 0.74 10.93
N VAL A 288 -24.54 0.80 10.10
CA VAL A 288 -24.49 1.79 9.03
C VAL A 288 -25.34 1.36 7.84
N LEU A 289 -25.22 0.08 7.44
CA LEU A 289 -25.79 -0.35 6.16
C LEU A 289 -27.14 -1.04 6.34
N GLY A 290 -27.44 -1.46 7.58
CA GLY A 290 -28.61 -2.29 7.83
C GLY A 290 -28.40 -3.73 7.35
N TRP A 291 -27.12 -4.11 7.19
CA TRP A 291 -26.75 -5.38 6.61
C TRP A 291 -26.57 -6.44 7.70
N ARG A 292 -27.17 -7.61 7.49
CA ARG A 292 -26.93 -8.81 8.29
C ARG A 292 -26.82 -10.01 7.36
N PRO A 293 -25.96 -11.01 7.66
CA PRO A 293 -25.91 -12.23 6.87
C PRO A 293 -27.17 -13.05 7.13
N GLN A 294 -27.80 -13.53 6.05
CA GLN A 294 -29.05 -14.27 6.14
CA GLN A 294 -29.05 -14.27 6.16
C GLN A 294 -28.77 -15.77 6.10
N ILE A 295 -27.64 -16.16 5.52
CA ILE A 295 -27.39 -17.57 5.22
C ILE A 295 -26.40 -18.17 6.22
N GLU A 296 -26.89 -19.16 6.98
CA GLU A 296 -26.07 -19.94 7.90
CA GLU A 296 -26.06 -19.93 7.89
C GLU A 296 -25.31 -21.00 7.10
N LEU A 297 -24.15 -21.41 7.62
CA LEU A 297 -23.22 -22.30 6.94
C LEU A 297 -23.92 -23.56 6.42
N ALA A 298 -24.72 -24.23 7.25
CA ALA A 298 -25.36 -25.46 6.84
C ALA A 298 -26.17 -25.26 5.55
N ASP A 299 -26.93 -24.15 5.49
CA ASP A 299 -27.80 -23.89 4.35
C ASP A 299 -26.98 -23.49 3.14
N GLY A 300 -25.97 -22.63 3.35
CA GLY A 300 -25.06 -22.21 2.30
C GLY A 300 -24.33 -23.38 1.66
N VAL A 301 -23.84 -24.31 2.50
CA VAL A 301 -23.10 -25.46 2.02
C VAL A 301 -24.00 -26.35 1.17
N ARG A 302 -25.25 -26.55 1.63
CA ARG A 302 -26.23 -27.33 0.88
CA ARG A 302 -26.22 -27.33 0.88
C ARG A 302 -26.41 -26.73 -0.51
N ARG A 303 -26.57 -25.40 -0.58
CA ARG A 303 -26.81 -24.72 -1.83
C ARG A 303 -25.58 -24.84 -2.74
N THR A 304 -24.39 -24.89 -2.13
CA THR A 304 -23.15 -25.02 -2.87
C THR A 304 -23.02 -26.42 -3.47
N VAL A 305 -23.33 -27.45 -2.66
CA VAL A 305 -23.26 -28.82 -3.14
C VAL A 305 -24.24 -29.00 -4.30
N GLU A 306 -25.44 -28.43 -4.16
CA GLU A 306 -26.46 -28.52 -5.24
C GLU A 306 -25.94 -27.87 -6.52
N TYR A 307 -25.22 -26.76 -6.38
CA TYR A 307 -24.66 -26.10 -7.55
C TYR A 307 -23.82 -27.09 -8.35
N PHE A 308 -22.98 -27.86 -7.64
CA PHE A 308 -22.09 -28.81 -8.30
C PHE A 308 -22.86 -29.99 -8.89
N ARG A 309 -23.95 -30.39 -8.23
CA ARG A 309 -24.77 -31.51 -8.69
C ARG A 309 -25.51 -31.15 -9.97
N HIS A 310 -25.93 -29.89 -10.09
CA HIS A 310 -26.78 -29.47 -11.20
C HIS A 310 -25.95 -29.04 -12.41
N LYS A 311 -24.64 -28.82 -12.19
CA LYS A 311 -23.73 -28.27 -13.18
C LYS A 311 -23.82 -29.02 -14.50
N HIS A 312 -23.98 -28.26 -15.59
CA HIS A 312 -24.05 -28.81 -16.94
C HIS A 312 -22.75 -28.52 -17.68
N MET B 1 30.39 -3.47 9.28
CA MET B 1 29.30 -4.24 8.59
C MET B 1 29.32 -3.93 7.09
N ARG B 2 28.68 -4.81 6.30
CA ARG B 2 28.41 -4.52 4.90
C ARG B 2 27.04 -3.86 4.82
N ALA B 3 27.00 -2.69 4.16
CA ALA B 3 25.76 -1.95 3.98
C ALA B 3 25.48 -1.77 2.49
N LEU B 4 24.20 -1.80 2.12
CA LEU B 4 23.79 -1.36 0.80
C LEU B 4 22.84 -0.18 0.95
N VAL B 5 23.04 0.84 0.12
CA VAL B 5 22.21 2.03 0.14
C VAL B 5 21.55 2.17 -1.22
N THR B 6 20.22 2.07 -1.27
CA THR B 6 19.52 2.43 -2.49
C THR B 6 19.28 3.94 -2.49
N GLY B 7 19.32 4.54 -3.69
CA GLY B 7 19.22 5.98 -3.83
C GLY B 7 20.52 6.67 -3.39
N ALA B 8 21.64 5.96 -3.53
CA ALA B 8 22.92 6.36 -3.00
C ALA B 8 23.51 7.57 -3.73
N ALA B 9 23.07 7.83 -4.97
CA ALA B 9 23.57 8.97 -5.72
C ALA B 9 22.79 10.23 -5.36
N GLY B 10 21.81 10.09 -4.45
CA GLY B 10 20.94 11.19 -4.08
C GLY B 10 21.51 12.04 -2.95
N PHE B 11 20.71 13.05 -2.55
CA PHE B 11 21.06 14.03 -1.53
C PHE B 11 21.34 13.36 -0.18
N ILE B 12 20.32 12.74 0.40
CA ILE B 12 20.48 12.10 1.71
C ILE B 12 21.35 10.86 1.54
N GLY B 13 21.11 10.11 0.45
CA GLY B 13 21.77 8.83 0.22
C GLY B 13 23.30 8.93 0.15
N SER B 14 23.84 9.90 -0.61
CA SER B 14 25.28 10.00 -0.74
C SER B 14 25.90 10.46 0.57
N THR B 15 25.16 11.30 1.30
CA THR B 15 25.60 11.77 2.61
C THR B 15 25.69 10.60 3.59
N LEU B 16 24.71 9.69 3.52
CA LEU B 16 24.70 8.50 4.36
C LEU B 16 25.85 7.58 3.97
N VAL B 17 26.13 7.47 2.67
CA VAL B 17 27.24 6.66 2.17
C VAL B 17 28.54 7.12 2.84
N ASP B 18 28.76 8.43 2.85
CA ASP B 18 29.97 9.00 3.42
C ASP B 18 30.09 8.64 4.91
N ARG B 19 28.97 8.76 5.63
CA ARG B 19 28.93 8.51 7.06
C ARG B 19 29.25 7.04 7.35
N LEU B 20 28.64 6.13 6.59
CA LEU B 20 28.84 4.70 6.81
C LEU B 20 30.30 4.32 6.56
N LEU B 21 30.90 4.89 5.52
CA LEU B 21 32.29 4.60 5.18
C LEU B 21 33.22 5.09 6.29
N ALA B 22 32.91 6.27 6.85
CA ALA B 22 33.66 6.87 7.93
C ALA B 22 33.59 5.99 9.18
N ASP B 23 32.46 5.30 9.36
CA ASP B 23 32.20 4.46 10.52
C ASP B 23 32.82 3.09 10.32
N GLY B 24 33.48 2.89 9.17
CA GLY B 24 34.27 1.70 8.92
C GLY B 24 33.48 0.57 8.24
N HIS B 25 32.34 0.92 7.65
CA HIS B 25 31.52 -0.05 6.93
C HIS B 25 31.96 -0.12 5.48
N SER B 26 31.72 -1.26 4.83
CA SER B 26 31.79 -1.36 3.39
C SER B 26 30.41 -1.07 2.82
N VAL B 27 30.37 -0.32 1.71
CA VAL B 27 29.11 0.20 1.21
C VAL B 27 28.97 -0.15 -0.27
N VAL B 28 27.79 -0.68 -0.62
CA VAL B 28 27.37 -0.74 -2.01
C VAL B 28 26.30 0.32 -2.22
N GLY B 29 26.53 1.22 -3.19
CA GLY B 29 25.54 2.21 -3.57
C GLY B 29 24.79 1.78 -4.83
N LEU B 30 23.47 2.04 -4.84
CA LEU B 30 22.62 1.66 -5.97
C LEU B 30 21.74 2.85 -6.35
N ASP B 31 21.71 3.17 -7.65
CA ASP B 31 20.92 4.31 -8.13
C ASP B 31 20.75 4.20 -9.64
N ASN B 32 19.71 4.85 -10.17
CA ASN B 32 19.46 4.89 -11.61
C ASN B 32 19.55 6.33 -12.12
N PHE B 33 19.90 7.27 -11.23
CA PHE B 33 20.12 8.67 -11.57
C PHE B 33 18.84 9.34 -12.07
N ALA B 34 17.69 8.89 -11.58
CA ALA B 34 16.42 9.54 -11.91
C ALA B 34 16.45 10.98 -11.44
N THR B 35 16.96 11.21 -10.22
CA THR B 35 17.11 12.53 -9.66
C THR B 35 18.47 12.69 -8.97
N GLY B 36 19.15 11.57 -8.72
CA GLY B 36 20.49 11.60 -8.13
C GLY B 36 21.54 12.13 -9.10
N ARG B 37 22.74 12.41 -8.58
CA ARG B 37 23.81 13.05 -9.35
C ARG B 37 25.12 12.34 -9.08
N ALA B 38 25.82 11.99 -10.17
CA ALA B 38 27.12 11.33 -10.10
C ALA B 38 28.12 12.15 -9.28
N THR B 39 28.00 13.49 -9.32
CA THR B 39 28.96 14.34 -8.64
CA THR B 39 28.91 14.39 -8.64
C THR B 39 28.90 14.13 -7.13
N ASN B 40 27.75 13.64 -6.63
CA ASN B 40 27.60 13.38 -5.21
C ASN B 40 28.48 12.21 -4.76
N LEU B 41 28.99 11.41 -5.72
CA LEU B 41 29.72 10.20 -5.38
C LEU B 41 31.14 10.21 -5.96
N GLU B 42 31.51 11.26 -6.68
CA GLU B 42 32.69 11.19 -7.54
C GLU B 42 33.97 11.07 -6.72
N HIS B 43 33.94 11.56 -5.48
CA HIS B 43 35.09 11.52 -4.59
C HIS B 43 35.42 10.10 -4.13
N LEU B 44 34.52 9.15 -4.43
CA LEU B 44 34.66 7.79 -3.92
C LEU B 44 35.38 6.88 -4.91
N ALA B 45 35.77 7.44 -6.07
CA ALA B 45 36.25 6.67 -7.21
C ALA B 45 37.30 5.64 -6.80
N ASP B 46 38.20 6.03 -5.88
CA ASP B 46 39.40 5.25 -5.60
C ASP B 46 39.25 4.46 -4.30
N ASN B 47 38.11 4.64 -3.61
CA ASN B 47 37.85 3.95 -2.34
C ASN B 47 37.31 2.56 -2.60
N SER B 48 38.09 1.55 -2.22
CA SER B 48 37.78 0.15 -2.54
C SER B 48 36.70 -0.40 -1.59
N ALA B 49 36.41 0.35 -0.52
CA ALA B 49 35.41 -0.05 0.46
C ALA B 49 34.01 0.24 -0.08
N HIS B 50 33.95 0.93 -1.22
CA HIS B 50 32.71 1.36 -1.85
C HIS B 50 32.60 0.80 -3.26
N VAL B 51 31.42 0.27 -3.58
CA VAL B 51 31.10 -0.21 -4.92
C VAL B 51 29.77 0.41 -5.33
N PHE B 52 29.69 0.89 -6.58
CA PHE B 52 28.46 1.50 -7.07
C PHE B 52 27.84 0.63 -8.17
N VAL B 53 26.50 0.48 -8.09
CA VAL B 53 25.72 -0.27 -9.06
C VAL B 53 24.66 0.66 -9.66
N GLU B 54 24.70 0.84 -10.99
CA GLU B 54 23.65 1.56 -11.71
C GLU B 54 22.52 0.58 -11.94
N ALA B 55 21.37 0.83 -11.30
CA ALA B 55 20.24 -0.10 -11.35
C ALA B 55 18.95 0.62 -11.00
N ASP B 56 17.86 0.18 -11.63
CA ASP B 56 16.51 0.63 -11.33
C ASP B 56 15.82 -0.43 -10.49
N ILE B 57 15.37 -0.05 -9.28
CA ILE B 57 14.78 -0.97 -8.32
C ILE B 57 13.51 -1.62 -8.88
N VAL B 58 12.89 -0.99 -9.90
CA VAL B 58 11.65 -1.50 -10.45
C VAL B 58 11.91 -2.73 -11.33
N THR B 59 13.08 -2.77 -11.99
CA THR B 59 13.31 -3.74 -13.05
C THR B 59 14.57 -4.58 -12.82
N ALA B 60 15.56 -4.04 -12.10
CA ALA B 60 16.84 -4.70 -11.91
C ALA B 60 16.69 -6.06 -11.21
N ASP B 61 17.67 -6.94 -11.42
CA ASP B 61 17.75 -8.20 -10.70
C ASP B 61 18.32 -7.94 -9.31
N LEU B 62 17.45 -7.51 -8.39
CA LEU B 62 17.86 -7.15 -7.04
C LEU B 62 18.30 -8.39 -6.28
N HIS B 63 17.70 -9.54 -6.61
CA HIS B 63 18.08 -10.79 -5.98
CA HIS B 63 18.07 -10.81 -6.01
C HIS B 63 19.55 -11.10 -6.30
N ALA B 64 19.95 -10.94 -7.56
CA ALA B 64 21.31 -11.23 -7.98
C ALA B 64 22.29 -10.26 -7.34
N ILE B 65 21.89 -8.99 -7.21
CA ILE B 65 22.74 -7.94 -6.71
C ILE B 65 23.00 -8.15 -5.22
N LEU B 66 21.94 -8.47 -4.47
CA LEU B 66 22.04 -8.65 -3.02
C LEU B 66 22.72 -9.98 -2.73
N GLU B 67 22.55 -10.96 -3.61
CA GLU B 67 23.21 -12.25 -3.48
C GLU B 67 24.72 -12.07 -3.61
N GLN B 68 25.13 -11.17 -4.51
CA GLN B 68 26.55 -10.93 -4.78
C GLN B 68 27.19 -10.17 -3.62
N HIS B 69 26.50 -9.13 -3.12
CA HIS B 69 27.12 -8.17 -2.21
C HIS B 69 26.86 -8.54 -0.74
N ARG B 70 25.83 -9.36 -0.51
N ARG B 70 25.84 -9.39 -0.52
CA ARG B 70 25.47 -9.87 0.80
CA ARG B 70 25.45 -9.87 0.79
C ARG B 70 25.46 -8.75 1.84
C ARG B 70 25.46 -8.75 1.83
N PRO B 71 24.65 -7.67 1.66
CA PRO B 71 24.60 -6.60 2.65
C PRO B 71 23.91 -7.11 3.91
N GLU B 72 24.37 -6.65 5.07
CA GLU B 72 23.75 -6.99 6.33
C GLU B 72 22.56 -6.08 6.57
N VAL B 73 22.74 -4.80 6.25
CA VAL B 73 21.69 -3.81 6.38
C VAL B 73 21.50 -3.15 5.02
N VAL B 74 20.24 -3.01 4.61
CA VAL B 74 19.87 -2.27 3.42
C VAL B 74 19.19 -0.98 3.86
N PHE B 75 19.78 0.15 3.47
CA PHE B 75 19.20 1.47 3.69
C PHE B 75 18.46 1.86 2.41
N HIS B 76 17.13 1.90 2.48
CA HIS B 76 16.30 2.06 1.30
C HIS B 76 15.87 3.52 1.14
N LEU B 77 16.60 4.27 0.31
CA LEU B 77 16.30 5.69 0.12
C LEU B 77 15.85 5.98 -1.31
N ALA B 78 15.95 4.99 -2.21
CA ALA B 78 15.53 5.19 -3.59
C ALA B 78 14.01 5.37 -3.66
N ALA B 79 13.56 6.45 -4.34
CA ALA B 79 12.15 6.77 -4.41
C ALA B 79 11.89 7.89 -5.42
N GLN B 80 10.65 7.94 -5.92
CA GLN B 80 10.11 9.14 -6.53
C GLN B 80 9.76 10.07 -5.37
N ILE B 81 10.37 11.27 -5.33
CA ILE B 81 10.37 12.07 -4.12
CA ILE B 81 10.36 12.06 -4.11
C ILE B 81 9.38 13.23 -4.22
N ASP B 82 8.89 13.52 -5.43
CA ASP B 82 8.13 14.73 -5.67
CA ASP B 82 8.12 14.74 -5.68
C ASP B 82 6.62 14.48 -5.50
N VAL B 83 6.00 15.24 -4.58
CA VAL B 83 4.58 15.14 -4.30
C VAL B 83 3.77 15.49 -5.55
N ARG B 84 4.14 16.58 -6.22
CA ARG B 84 3.40 17.06 -7.37
C ARG B 84 3.48 16.05 -8.52
N ARG B 85 4.66 15.42 -8.69
CA ARG B 85 4.83 14.42 -9.72
C ARG B 85 3.95 13.21 -9.43
N SER B 86 3.76 12.90 -8.14
CA SER B 86 2.96 11.77 -7.73
C SER B 86 1.50 11.99 -8.10
N VAL B 87 1.07 13.26 -8.08
CA VAL B 87 -0.28 13.64 -8.48
C VAL B 87 -0.41 13.53 -9.99
N ALA B 88 0.61 14.00 -10.71
CA ALA B 88 0.63 13.97 -12.16
C ALA B 88 0.63 12.53 -12.69
N ASP B 89 1.40 11.66 -12.02
CA ASP B 89 1.54 10.28 -12.44
C ASP B 89 1.56 9.37 -11.22
N PRO B 90 0.39 9.09 -10.61
CA PRO B 90 0.32 8.22 -9.44
C PRO B 90 0.83 6.80 -9.69
N GLN B 91 0.63 6.30 -10.93
CA GLN B 91 1.07 4.96 -11.28
C GLN B 91 2.59 4.84 -11.21
N PHE B 92 3.30 5.82 -11.77
CA PHE B 92 4.75 5.80 -11.79
C PHE B 92 5.29 5.88 -10.35
N ASP B 93 4.72 6.80 -9.57
CA ASP B 93 5.11 6.97 -8.18
C ASP B 93 4.93 5.66 -7.42
N ALA B 94 3.80 4.98 -7.66
CA ALA B 94 3.50 3.72 -6.98
C ALA B 94 4.42 2.61 -7.45
N ALA B 95 4.80 2.64 -8.74
CA ALA B 95 5.71 1.64 -9.29
C ALA B 95 7.05 1.70 -8.56
N VAL B 96 7.61 2.91 -8.43
CA VAL B 96 8.91 3.08 -7.81
C VAL B 96 8.82 2.82 -6.30
N ASN B 97 7.84 3.46 -5.65
CA ASN B 97 7.81 3.55 -4.20
C ASN B 97 7.18 2.31 -3.57
N VAL B 98 6.20 1.69 -4.26
CA VAL B 98 5.59 0.50 -3.70
C VAL B 98 6.25 -0.75 -4.31
N ILE B 99 6.14 -0.90 -5.63
CA ILE B 99 6.65 -2.10 -6.28
C ILE B 99 8.15 -2.23 -6.01
N GLY B 100 8.88 -1.11 -6.13
CA GLY B 100 10.31 -1.12 -5.90
C GLY B 100 10.66 -1.64 -4.51
N THR B 101 9.89 -1.20 -3.51
CA THR B 101 10.09 -1.61 -2.13
C THR B 101 9.78 -3.10 -1.96
N VAL B 102 8.71 -3.56 -2.62
CA VAL B 102 8.32 -4.96 -2.55
C VAL B 102 9.42 -5.83 -3.17
N ARG B 103 9.97 -5.40 -4.30
CA ARG B 103 10.98 -6.20 -4.97
C ARG B 103 12.25 -6.27 -4.12
N LEU B 104 12.55 -5.16 -3.42
CA LEU B 104 13.73 -5.10 -2.57
C LEU B 104 13.57 -6.04 -1.38
N ALA B 105 12.38 -6.02 -0.77
CA ALA B 105 12.10 -6.87 0.39
C ALA B 105 12.19 -8.34 0.00
N GLU B 106 11.65 -8.67 -1.18
CA GLU B 106 11.61 -10.05 -1.66
C GLU B 106 13.03 -10.52 -1.93
N ALA B 107 13.87 -9.64 -2.49
CA ALA B 107 15.28 -9.94 -2.70
C ALA B 107 15.99 -10.11 -1.35
N ALA B 108 15.73 -9.20 -0.41
CA ALA B 108 16.43 -9.16 0.86
C ALA B 108 16.15 -10.40 1.70
N ARG B 109 14.91 -10.90 1.67
CA ARG B 109 14.53 -12.00 2.54
C ARG B 109 15.19 -13.31 2.08
N GLN B 110 15.64 -13.34 0.82
CA GLN B 110 16.22 -14.52 0.21
C GLN B 110 17.74 -14.51 0.32
N THR B 111 18.31 -13.38 0.76
CA THR B 111 19.75 -13.17 0.63
C THR B 111 20.42 -12.91 1.99
N GLY B 112 19.72 -13.23 3.08
CA GLY B 112 20.33 -13.24 4.40
C GLY B 112 20.52 -11.85 5.01
N VAL B 113 19.98 -10.81 4.35
CA VAL B 113 19.93 -9.46 4.88
C VAL B 113 19.28 -9.49 6.27
N ARG B 114 19.84 -8.74 7.22
CA ARG B 114 19.34 -8.72 8.59
C ARG B 114 18.18 -7.73 8.72
N LYS B 115 18.34 -6.54 8.14
CA LYS B 115 17.39 -5.47 8.38
C LYS B 115 17.33 -4.52 7.18
N ILE B 116 16.11 -4.07 6.86
CA ILE B 116 15.92 -2.97 5.92
C ILE B 116 15.50 -1.74 6.72
N VAL B 117 16.24 -0.64 6.53
CA VAL B 117 15.82 0.64 7.09
C VAL B 117 15.11 1.39 5.98
N HIS B 118 13.79 1.53 6.12
CA HIS B 118 12.97 2.18 5.11
C HIS B 118 13.00 3.68 5.33
N THR B 119 12.84 4.43 4.23
CA THR B 119 12.58 5.86 4.32
C THR B 119 11.12 6.13 3.99
N SER B 120 10.37 6.52 5.02
CA SER B 120 8.99 6.94 4.89
C SER B 120 8.96 8.44 4.65
N SER B 121 7.84 9.10 4.99
CA SER B 121 7.73 10.54 4.89
C SER B 121 6.97 11.09 6.08
N GLY B 122 7.72 11.47 7.14
CA GLY B 122 7.14 12.07 8.33
C GLY B 122 6.34 13.32 7.99
N GLY B 123 6.78 14.05 6.97
CA GLY B 123 6.14 15.31 6.58
C GLY B 123 4.77 15.13 5.94
N SER B 124 4.47 13.93 5.41
CA SER B 124 3.27 13.81 4.58
C SER B 124 2.36 12.64 4.96
N ILE B 125 2.88 11.63 5.66
CA ILE B 125 2.11 10.39 5.82
C ILE B 125 0.89 10.59 6.72
N TYR B 126 0.94 11.61 7.60
CA TYR B 126 -0.16 11.82 8.54
C TYR B 126 -1.27 12.66 7.90
N GLY B 127 -1.02 13.16 6.68
CA GLY B 127 -1.92 14.13 6.06
C GLY B 127 -2.12 15.33 6.98
N THR B 128 -3.38 15.80 7.07
CA THR B 128 -3.77 16.76 8.08
CA THR B 128 -3.74 16.77 8.10
C THR B 128 -3.93 16.01 9.42
N PRO B 129 -2.94 16.09 10.34
CA PRO B 129 -2.96 15.25 11.55
C PRO B 129 -3.88 15.81 12.64
N PRO B 130 -4.28 14.98 13.63
CA PRO B 130 -5.17 15.45 14.70
C PRO B 130 -4.50 16.38 15.71
N GLU B 131 -3.16 16.43 15.68
CA GLU B 131 -2.42 17.27 16.61
C GLU B 131 -1.04 17.62 16.06
N TYR B 132 -0.45 18.67 16.64
CA TYR B 132 0.91 19.09 16.39
C TYR B 132 1.57 19.39 17.74
N PRO B 133 2.85 19.00 17.97
CA PRO B 133 3.61 18.18 17.03
C PRO B 133 3.03 16.77 16.95
N THR B 134 3.22 16.10 15.81
CA THR B 134 2.51 14.87 15.50
C THR B 134 3.35 13.66 15.93
N PRO B 135 2.84 12.81 16.85
CA PRO B 135 3.53 11.58 17.23
C PRO B 135 3.22 10.44 16.26
N GLU B 136 4.04 9.38 16.34
CA GLU B 136 3.92 8.22 15.46
C GLU B 136 2.64 7.46 15.75
N THR B 137 2.03 7.73 16.92
CA THR B 137 0.79 7.09 17.33
C THR B 137 -0.40 7.70 16.58
N ALA B 138 -0.20 8.86 15.97
CA ALA B 138 -1.24 9.46 15.13
C ALA B 138 -1.46 8.57 13.91
N PRO B 139 -2.70 8.32 13.48
CA PRO B 139 -2.95 7.43 12.33
CA PRO B 139 -2.95 7.43 12.33
C PRO B 139 -2.41 8.05 11.05
N THR B 140 -1.93 7.19 10.15
CA THR B 140 -1.52 7.69 8.84
C THR B 140 -2.80 8.08 8.09
N ASP B 141 -2.71 9.15 7.31
CA ASP B 141 -3.87 9.63 6.59
C ASP B 141 -3.41 10.36 5.33
N PRO B 142 -2.69 9.66 4.41
CA PRO B 142 -2.05 10.33 3.27
C PRO B 142 -3.04 11.08 2.38
N ALA B 143 -2.60 12.24 1.85
CA ALA B 143 -3.44 13.08 1.03
C ALA B 143 -2.82 13.31 -0.34
N SER B 144 -1.72 12.60 -0.62
CA SER B 144 -1.11 12.58 -1.95
C SER B 144 -0.71 11.14 -2.27
N PRO B 145 -0.61 10.76 -3.57
CA PRO B 145 -0.14 9.41 -3.93
C PRO B 145 1.24 9.12 -3.35
N TYR B 146 2.11 10.13 -3.35
CA TYR B 146 3.44 9.98 -2.76
C TYR B 146 3.33 9.50 -1.31
N ALA B 147 2.52 10.19 -0.50
CA ALA B 147 2.37 9.84 0.89
C ALA B 147 1.78 8.43 1.02
N ALA B 148 0.81 8.09 0.15
CA ALA B 148 0.18 6.78 0.19
C ALA B 148 1.19 5.66 -0.04
N GLY B 149 2.06 5.87 -1.03
CA GLY B 149 3.05 4.86 -1.40
C GLY B 149 4.08 4.65 -0.30
N LYS B 150 4.39 5.74 0.41
CA LYS B 150 5.33 5.65 1.52
C LYS B 150 4.73 4.80 2.63
N VAL B 151 3.44 5.02 2.94
CA VAL B 151 2.73 4.24 3.93
C VAL B 151 2.67 2.77 3.50
N ALA B 152 2.33 2.52 2.22
CA ALA B 152 2.27 1.18 1.68
C ALA B 152 3.61 0.45 1.79
N GLY B 153 4.70 1.19 1.58
CA GLY B 153 6.04 0.63 1.73
C GLY B 153 6.30 0.15 3.16
N GLU B 154 5.92 0.97 4.14
CA GLU B 154 6.05 0.60 5.55
C GLU B 154 5.33 -0.72 5.78
N ILE B 155 4.07 -0.77 5.32
CA ILE B 155 3.18 -1.89 5.61
C ILE B 155 3.72 -3.17 4.97
N TYR B 156 4.24 -3.07 3.74
CA TYR B 156 4.80 -4.24 3.10
C TYR B 156 6.02 -4.74 3.87
N LEU B 157 6.87 -3.82 4.33
CA LEU B 157 8.03 -4.23 5.10
C LEU B 157 7.61 -4.87 6.42
N ASN B 158 6.58 -4.31 7.08
CA ASN B 158 6.06 -4.92 8.31
C ASN B 158 5.58 -6.34 8.01
N THR B 159 5.00 -6.53 6.82
CA THR B 159 4.47 -7.81 6.40
C THR B 159 5.61 -8.82 6.27
N PHE B 160 6.71 -8.41 5.63
CA PHE B 160 7.85 -9.28 5.42
C PHE B 160 8.52 -9.63 6.76
N ARG B 161 8.40 -8.72 7.73
CA ARG B 161 8.92 -8.94 9.07
C ARG B 161 8.15 -10.09 9.73
N HIS B 162 6.82 -10.08 9.58
CA HIS B 162 5.97 -11.14 10.12
C HIS B 162 6.26 -12.45 9.41
N LEU B 163 6.34 -12.39 8.07
N LEU B 163 6.42 -12.37 8.09
CA LEU B 163 6.38 -13.57 7.24
CA LEU B 163 6.36 -13.51 7.19
C LEU B 163 7.71 -14.29 7.41
C LEU B 163 7.70 -14.26 7.16
N TYR B 164 8.81 -13.52 7.33
CA TYR B 164 10.13 -14.10 7.19
C TYR B 164 11.09 -13.69 8.31
N GLY B 165 10.65 -12.79 9.19
CA GLY B 165 11.52 -12.30 10.25
C GLY B 165 12.60 -11.35 9.74
N LEU B 166 12.42 -10.83 8.51
CA LEU B 166 13.29 -9.79 8.00
C LEU B 166 12.99 -8.51 8.76
N ASP B 167 13.97 -8.07 9.57
CA ASP B 167 13.76 -6.92 10.45
C ASP B 167 13.65 -5.66 9.61
N CYS B 168 12.90 -4.68 10.13
CA CYS B 168 12.76 -3.39 9.46
C CYS B 168 12.47 -2.30 10.48
N SER B 169 12.92 -1.09 10.15
CA SER B 169 12.55 0.14 10.85
C SER B 169 12.29 1.21 9.81
N HIS B 170 11.41 2.16 10.15
CA HIS B 170 11.01 3.21 9.23
C HIS B 170 11.52 4.55 9.74
N ILE B 171 12.45 5.17 9.00
CA ILE B 171 12.83 6.54 9.24
C ILE B 171 11.84 7.44 8.49
N ALA B 172 11.14 8.29 9.25
CA ALA B 172 10.15 9.20 8.69
C ALA B 172 10.63 10.65 8.85
N PRO B 173 11.49 11.15 7.94
CA PRO B 173 12.01 12.51 8.04
C PRO B 173 10.93 13.56 7.82
N ALA B 174 11.13 14.74 8.44
CA ALA B 174 10.38 15.94 8.13
C ALA B 174 10.91 16.52 6.82
N ASN B 175 11.15 17.84 6.77
CA ASN B 175 11.67 18.45 5.56
C ASN B 175 13.19 18.56 5.66
N VAL B 176 13.89 17.67 4.94
CA VAL B 176 15.35 17.59 5.01
C VAL B 176 15.93 18.62 4.04
N TYR B 177 16.97 19.32 4.52
CA TYR B 177 17.69 20.31 3.71
C TYR B 177 19.17 20.21 4.03
N GLY B 178 20.00 20.84 3.20
CA GLY B 178 21.43 20.90 3.44
C GLY B 178 22.25 20.71 2.17
N PRO B 179 23.59 20.63 2.30
CA PRO B 179 24.48 20.38 1.16
C PRO B 179 24.12 19.14 0.34
N ARG B 180 24.23 19.28 -0.99
CA ARG B 180 24.05 18.23 -1.99
C ARG B 180 22.59 18.13 -2.43
N GLN B 181 21.69 18.90 -1.80
CA GLN B 181 20.30 18.93 -2.25
C GLN B 181 20.26 19.64 -3.59
N ASP B 182 19.59 19.02 -4.56
CA ASP B 182 19.55 19.55 -5.95
C ASP B 182 19.02 20.98 -5.98
N PRO B 183 19.87 21.97 -6.33
CA PRO B 183 19.42 23.36 -6.42
C PRO B 183 18.45 23.50 -7.60
N HIS B 184 18.54 22.58 -8.55
CA HIS B 184 17.69 22.66 -9.77
C HIS B 184 16.64 21.56 -9.72
N GLY B 185 16.34 21.05 -8.52
CA GLY B 185 15.24 20.08 -8.40
C GLY B 185 13.92 20.81 -8.19
N GLU B 186 12.81 20.08 -8.24
CA GLU B 186 11.47 20.67 -8.05
C GLU B 186 11.12 20.62 -6.57
N ALA B 187 11.65 19.63 -5.85
CA ALA B 187 11.50 19.57 -4.38
C ALA B 187 12.70 20.27 -3.75
N GLY B 188 12.65 20.61 -2.47
CA GLY B 188 13.80 21.22 -1.78
C GLY B 188 13.69 22.74 -1.75
N VAL B 189 12.86 23.27 -0.88
CA VAL B 189 12.59 24.70 -0.88
C VAL B 189 13.84 25.49 -0.47
N VAL B 190 14.57 24.99 0.54
CA VAL B 190 15.73 25.69 1.06
C VAL B 190 16.77 25.84 -0.05
N ALA B 191 16.88 24.80 -0.88
CA ALA B 191 17.77 24.79 -2.03
C ALA B 191 17.31 25.83 -3.06
N ILE B 192 16.00 25.87 -3.30
CA ILE B 192 15.40 26.77 -4.27
C ILE B 192 15.69 28.22 -3.87
N PHE B 193 15.35 28.57 -2.62
CA PHE B 193 15.55 29.92 -2.11
C PHE B 193 17.02 30.30 -2.18
N ALA B 194 17.89 29.41 -1.68
CA ALA B 194 19.32 29.66 -1.66
C ALA B 194 19.85 29.93 -3.06
N GLN B 195 19.54 29.03 -3.99
CA GLN B 195 20.05 29.10 -5.35
C GLN B 195 19.59 30.39 -6.02
N ALA B 196 18.30 30.70 -5.87
CA ALA B 196 17.68 31.82 -6.57
C ALA B 196 18.22 33.15 -6.05
N LEU B 197 18.28 33.29 -4.72
CA LEU B 197 18.70 34.53 -4.10
C LEU B 197 20.17 34.80 -4.38
N LEU B 198 20.97 33.73 -4.52
CA LEU B 198 22.38 33.86 -4.85
C LEU B 198 22.53 34.31 -6.29
N SER B 199 21.55 33.98 -7.14
CA SER B 199 21.60 34.24 -8.57
C SER B 199 20.89 35.55 -8.91
N GLY B 200 20.16 36.11 -7.94
CA GLY B 200 19.36 37.30 -8.15
C GLY B 200 18.14 37.03 -9.03
N LYS B 201 17.75 35.75 -9.11
CA LYS B 201 16.55 35.34 -9.82
C LYS B 201 15.35 35.41 -8.88
N PRO B 202 14.10 35.40 -9.40
CA PRO B 202 12.92 35.56 -8.56
C PRO B 202 12.62 34.38 -7.62
N THR B 203 12.17 34.70 -6.41
CA THR B 203 11.75 33.66 -5.44
C THR B 203 10.24 33.71 -5.29
N ARG B 204 9.61 32.56 -5.04
CA ARG B 204 8.13 32.50 -4.99
C ARG B 204 7.62 31.66 -3.82
N VAL B 205 6.41 31.95 -3.36
CA VAL B 205 5.77 31.14 -2.28
C VAL B 205 4.43 30.67 -2.87
N PHE B 206 3.93 29.52 -2.45
CA PHE B 206 2.60 29.04 -2.95
C PHE B 206 1.54 29.44 -1.92
N GLY B 207 0.28 29.50 -2.36
CA GLY B 207 -0.78 29.99 -1.47
C GLY B 207 -0.43 31.38 -0.97
N ASP B 208 -0.69 31.65 0.30
CA ASP B 208 -0.40 32.94 0.89
C ASP B 208 0.91 32.85 1.67
N GLY B 209 1.57 31.68 1.55
CA GLY B 209 2.88 31.43 2.13
C GLY B 209 2.83 31.16 3.64
N THR B 210 1.69 30.61 4.09
N THR B 210 1.69 30.61 4.10
CA THR B 210 1.46 30.34 5.51
CA THR B 210 1.47 30.34 5.52
C THR B 210 1.73 28.87 5.82
C THR B 210 1.76 28.88 5.82
N ASN B 211 1.88 28.06 4.77
CA ASN B 211 2.15 26.64 4.89
C ASN B 211 3.47 26.42 5.64
N THR B 212 3.40 25.64 6.74
CA THR B 212 4.55 25.42 7.60
C THR B 212 5.16 24.04 7.35
N ARG B 213 6.46 23.93 7.65
CA ARG B 213 7.16 22.66 7.62
C ARG B 213 8.14 22.60 8.80
N ASP B 214 8.63 21.39 9.07
CA ASP B 214 9.63 21.12 10.09
C ASP B 214 10.95 20.87 9.39
N TYR B 215 11.91 21.81 9.51
CA TYR B 215 13.14 21.76 8.74
C TYR B 215 14.27 21.11 9.53
N VAL B 216 14.71 19.95 9.05
CA VAL B 216 15.71 19.13 9.72
C VAL B 216 16.92 18.95 8.80
N PHE B 217 18.12 19.16 9.37
CA PHE B 217 19.35 19.18 8.60
C PHE B 217 19.80 17.75 8.28
N VAL B 218 20.40 17.59 7.09
CA VAL B 218 20.74 16.30 6.52
C VAL B 218 21.62 15.47 7.47
N ASP B 219 22.60 16.10 8.13
CA ASP B 219 23.53 15.38 8.99
C ASP B 219 22.80 14.72 10.16
N ASP B 220 21.76 15.39 10.68
CA ASP B 220 20.95 14.86 11.76
C ASP B 220 20.14 13.66 11.27
N VAL B 221 19.63 13.74 10.03
CA VAL B 221 18.82 12.68 9.47
C VAL B 221 19.69 11.44 9.30
N VAL B 222 20.90 11.63 8.76
CA VAL B 222 21.85 10.56 8.52
C VAL B 222 22.15 9.84 9.83
N ASP B 223 22.33 10.61 10.91
CA ASP B 223 22.63 10.03 12.22
C ASP B 223 21.48 9.11 12.66
N ALA B 224 20.23 9.52 12.41
CA ALA B 224 19.09 8.70 12.78
C ALA B 224 19.10 7.37 12.01
N PHE B 225 19.44 7.42 10.70
CA PHE B 225 19.56 6.21 9.91
C PHE B 225 20.56 5.26 10.55
N VAL B 226 21.70 5.80 11.00
CA VAL B 226 22.77 4.99 11.56
C VAL B 226 22.28 4.32 12.86
N ARG B 227 21.61 5.11 13.70
CA ARG B 227 21.17 4.64 15.02
C ARG B 227 20.14 3.51 14.89
N VAL B 228 19.29 3.59 13.87
CA VAL B 228 18.16 2.68 13.75
C VAL B 228 18.58 1.41 13.00
N SER B 229 19.81 1.39 12.48
CA SER B 229 20.29 0.26 11.71
C SER B 229 20.68 -0.92 12.61
N ALA B 230 20.79 -0.65 13.91
CA ALA B 230 21.13 -1.68 14.88
C ALA B 230 19.88 -2.50 15.21
N ASP B 231 20.03 -3.46 16.13
CA ASP B 231 18.93 -4.30 16.56
C ASP B 231 18.08 -3.54 17.59
N VAL B 232 17.37 -2.52 17.10
CA VAL B 232 16.59 -1.62 17.94
C VAL B 232 15.47 -1.02 17.10
N GLY B 233 14.29 -0.88 17.73
CA GLY B 233 13.13 -0.26 17.11
C GLY B 233 12.57 -1.08 15.96
N GLY B 234 12.64 -2.42 16.09
CA GLY B 234 12.15 -3.33 15.07
C GLY B 234 10.65 -3.19 14.83
N GLY B 235 10.29 -2.92 13.58
CA GLY B 235 8.89 -2.81 13.15
C GLY B 235 8.30 -1.44 13.42
N LEU B 236 9.12 -0.52 13.94
CA LEU B 236 8.66 0.78 14.39
C LEU B 236 9.08 1.88 13.42
N ARG B 237 8.25 2.94 13.37
CA ARG B 237 8.56 4.17 12.66
C ARG B 237 9.07 5.20 13.66
N PHE B 238 10.07 6.00 13.22
CA PHE B 238 10.60 7.10 14.00
C PHE B 238 10.49 8.39 13.20
N ASN B 239 9.73 9.35 13.75
CA ASN B 239 9.69 10.70 13.21
C ASN B 239 11.06 11.34 13.40
N ILE B 240 11.63 11.88 12.31
CA ILE B 240 12.94 12.50 12.35
C ILE B 240 12.81 13.94 11.86
N GLY B 241 12.81 14.87 12.83
CA GLY B 241 12.60 16.29 12.60
C GLY B 241 13.11 17.11 13.78
N THR B 242 12.64 18.37 13.87
CA THR B 242 13.11 19.26 14.94
C THR B 242 11.98 19.55 15.93
N GLY B 243 10.74 19.38 15.49
CA GLY B 243 9.58 19.69 16.32
C GLY B 243 9.32 21.20 16.38
N LYS B 244 9.92 21.94 15.45
CA LYS B 244 9.74 23.38 15.32
C LYS B 244 9.19 23.69 13.94
N GLU B 245 8.17 24.55 13.90
CA GLU B 245 7.47 24.92 12.68
C GLU B 245 8.06 26.19 12.09
N THR B 246 8.21 26.21 10.77
CA THR B 246 8.65 27.37 10.01
C THR B 246 7.82 27.47 8.73
N SER B 247 7.19 28.63 8.51
CA SER B 247 6.31 28.82 7.37
C SER B 247 7.12 29.12 6.12
N ASP B 248 6.48 28.88 4.96
CA ASP B 248 7.05 29.16 3.64
C ASP B 248 7.71 30.54 3.63
N ARG B 249 7.07 31.51 4.30
CA ARG B 249 7.49 32.90 4.24
C ARG B 249 8.67 33.15 5.17
N GLN B 250 8.62 32.56 6.38
CA GLN B 250 9.60 32.84 7.42
C GLN B 250 10.96 32.25 7.06
N LEU B 251 10.93 31.17 6.26
CA LEU B 251 12.13 30.51 5.77
C LEU B 251 12.89 31.46 4.85
N HIS B 252 12.13 32.17 3.99
CA HIS B 252 12.69 33.07 2.99
C HIS B 252 13.56 34.13 3.65
N SER B 253 13.08 34.68 4.77
CA SER B 253 13.78 35.72 5.51
C SER B 253 15.11 35.19 6.04
N ALA B 254 15.09 33.96 6.56
CA ALA B 254 16.28 33.31 7.10
C ALA B 254 17.33 33.12 6.01
N VAL B 255 16.89 32.68 4.83
CA VAL B 255 17.80 32.41 3.72
C VAL B 255 18.39 33.73 3.22
N ALA B 256 17.55 34.78 3.15
CA ALA B 256 17.98 36.07 2.64
C ALA B 256 18.99 36.71 3.59
N ALA B 257 18.81 36.49 4.90
CA ALA B 257 19.74 36.97 5.90
C ALA B 257 21.10 36.29 5.72
N ALA B 258 21.06 35.02 5.27
CA ALA B 258 22.28 34.24 5.09
C ALA B 258 22.95 34.59 3.77
N VAL B 259 22.14 34.78 2.72
CA VAL B 259 22.64 35.08 1.39
C VAL B 259 23.11 36.54 1.35
N GLY B 260 22.23 37.45 1.79
CA GLY B 260 22.43 38.89 1.69
C GLY B 260 21.46 39.52 0.69
N GLY B 261 21.19 40.82 0.90
CA GLY B 261 20.40 41.59 -0.05
C GLY B 261 18.90 41.45 0.16
N PRO B 262 18.10 41.34 -0.94
CA PRO B 262 16.64 41.47 -0.87
C PRO B 262 15.91 40.31 -0.21
N ASP B 263 14.68 40.59 0.25
CA ASP B 263 13.83 39.64 0.95
C ASP B 263 12.37 39.93 0.60
N ASP B 264 12.00 39.67 -0.66
CA ASP B 264 10.66 39.94 -1.14
C ASP B 264 10.28 38.92 -2.21
N PRO B 265 9.61 37.79 -1.85
CA PRO B 265 9.20 36.85 -2.86
C PRO B 265 7.83 37.10 -3.50
N GLU B 266 7.54 36.31 -4.54
CA GLU B 266 6.23 36.41 -5.22
C GLU B 266 5.23 35.51 -4.48
N PHE B 267 4.06 35.28 -5.08
CA PHE B 267 3.00 34.49 -4.42
C PHE B 267 2.19 33.81 -5.51
N HIS B 268 2.37 32.50 -5.69
CA HIS B 268 1.65 31.77 -6.77
C HIS B 268 0.58 30.82 -6.19
N PRO B 269 -0.32 30.25 -7.01
CA PRO B 269 -1.40 29.41 -6.52
C PRO B 269 -0.99 28.18 -5.71
N PRO B 270 -1.81 27.69 -4.76
CA PRO B 270 -1.51 26.46 -4.05
C PRO B 270 -1.40 25.28 -5.02
N ARG B 271 -0.74 24.20 -4.60
CA ARG B 271 -0.51 23.02 -5.42
C ARG B 271 -1.23 21.81 -4.80
N LEU B 272 -1.90 21.04 -5.66
CA LEU B 272 -2.67 19.86 -5.27
C LEU B 272 -1.73 18.79 -4.73
N GLY B 273 -1.99 18.36 -3.48
CA GLY B 273 -1.21 17.32 -2.83
C GLY B 273 -0.41 17.83 -1.63
N ASP B 274 -0.09 19.13 -1.65
CA ASP B 274 0.70 19.76 -0.59
C ASP B 274 -0.16 20.05 0.63
N LEU B 275 0.30 19.58 1.80
CA LEU B 275 -0.38 19.82 3.06
C LEU B 275 -0.12 21.25 3.52
N LYS B 276 -0.87 21.69 4.53
CA LYS B 276 -0.82 23.07 5.02
C LYS B 276 0.16 23.19 6.19
N ARG B 277 0.17 22.18 7.08
CA ARG B 277 1.00 22.21 8.27
C ARG B 277 1.77 20.91 8.45
N SER B 278 2.94 20.99 9.09
CA SER B 278 3.77 19.83 9.35
C SER B 278 4.75 20.12 10.49
N CYS B 279 4.66 19.29 11.55
CA CYS B 279 5.53 19.40 12.71
C CYS B 279 5.54 18.04 13.42
N LEU B 280 6.74 17.47 13.61
CA LEU B 280 6.82 16.12 14.13
C LEU B 280 7.21 16.12 15.60
N ASP B 281 6.50 15.29 16.38
CA ASP B 281 6.93 14.95 17.72
C ASP B 281 8.09 13.96 17.59
N ILE B 282 9.24 14.33 18.16
CA ILE B 282 10.47 13.56 17.98
C ILE B 282 10.87 12.89 19.28
N GLY B 283 9.91 12.76 20.20
CA GLY B 283 10.15 12.16 21.51
C GLY B 283 10.57 10.70 21.43
N LEU B 284 9.91 9.93 20.55
CA LEU B 284 10.17 8.50 20.44
C LEU B 284 11.62 8.24 20.03
N ALA B 285 12.11 8.98 19.04
CA ALA B 285 13.49 8.84 18.58
C ALA B 285 14.47 9.17 19.71
N GLU B 286 14.12 10.16 20.53
CA GLU B 286 14.93 10.53 21.67
C GLU B 286 14.97 9.37 22.68
N ARG B 287 13.78 8.86 23.03
CA ARG B 287 13.65 7.88 24.09
C ARG B 287 14.25 6.53 23.68
N VAL B 288 14.05 6.13 22.42
CA VAL B 288 14.37 4.79 21.97
C VAL B 288 15.76 4.74 21.34
N LEU B 289 16.11 5.75 20.53
CA LEU B 289 17.35 5.71 19.76
C LEU B 289 18.42 6.60 20.40
N GLY B 290 18.00 7.49 21.31
CA GLY B 290 18.89 8.49 21.87
C GLY B 290 19.23 9.58 20.86
N TRP B 291 18.34 9.75 19.87
CA TRP B 291 18.56 10.68 18.77
C TRP B 291 17.96 12.05 19.12
N ARG B 292 18.77 13.10 18.91
CA ARG B 292 18.31 14.48 18.98
C ARG B 292 18.94 15.25 17.83
N PRO B 293 18.21 16.22 17.21
CA PRO B 293 18.81 17.07 16.19
C PRO B 293 19.78 18.06 16.81
N GLN B 294 20.92 18.25 16.13
CA GLN B 294 22.00 19.10 16.63
C GLN B 294 21.95 20.48 15.96
N ILE B 295 21.39 20.53 14.74
CA ILE B 295 21.51 21.72 13.91
C ILE B 295 20.19 22.48 13.90
N GLU B 296 20.24 23.72 14.38
CA GLU B 296 19.08 24.62 14.38
C GLU B 296 19.01 25.33 13.04
N LEU B 297 17.79 25.76 12.66
CA LEU B 297 17.52 26.24 11.32
C LEU B 297 18.53 27.30 10.89
N ALA B 298 18.73 28.31 11.75
CA ALA B 298 19.62 29.43 11.43
C ALA B 298 21.01 28.92 11.05
N ASP B 299 21.52 27.96 11.82
CA ASP B 299 22.86 27.42 11.60
CA ASP B 299 22.85 27.41 11.61
C ASP B 299 22.87 26.57 10.34
N GLY B 300 21.82 25.75 10.17
CA GLY B 300 21.73 24.87 9.01
C GLY B 300 21.58 25.63 7.69
N VAL B 301 20.87 26.76 7.75
CA VAL B 301 20.67 27.61 6.59
C VAL B 301 22.00 28.26 6.19
N ARG B 302 22.74 28.76 7.19
CA ARG B 302 24.05 29.34 6.94
CA ARG B 302 24.05 29.35 6.94
C ARG B 302 24.92 28.34 6.18
N ARG B 303 24.99 27.11 6.72
CA ARG B 303 25.78 26.03 6.14
C ARG B 303 25.39 25.80 4.69
N THR B 304 24.07 25.66 4.45
CA THR B 304 23.51 25.34 3.14
C THR B 304 23.82 26.46 2.15
N VAL B 305 23.59 27.70 2.57
CA VAL B 305 23.80 28.85 1.70
C VAL B 305 25.29 28.95 1.34
N GLU B 306 26.16 28.78 2.35
CA GLU B 306 27.60 28.83 2.14
C GLU B 306 28.00 27.77 1.11
N TYR B 307 27.42 26.57 1.25
CA TYR B 307 27.73 25.46 0.36
C TYR B 307 27.35 25.81 -1.07
N PHE B 308 26.14 26.34 -1.25
CA PHE B 308 25.62 26.68 -2.57
CA PHE B 308 25.62 26.68 -2.57
C PHE B 308 26.43 27.81 -3.19
N ARG B 309 26.87 28.76 -2.34
CA ARG B 309 27.65 29.89 -2.81
C ARG B 309 29.01 29.43 -3.32
N HIS B 310 29.63 28.50 -2.59
CA HIS B 310 30.89 27.90 -2.99
C HIS B 310 30.70 27.05 -4.25
N LYS B 311 29.49 26.48 -4.39
CA LYS B 311 29.07 25.71 -5.56
C LYS B 311 29.73 24.33 -5.52
#